data_9V6A
#
_entry.id   9V6A
#
_cell.length_a   47.676
_cell.length_b   79.460
_cell.length_c   86.481
_cell.angle_alpha   90.000
_cell.angle_beta   90.000
_cell.angle_gamma   90.000
#
_symmetry.space_group_name_H-M   'P 21 21 21'
#
loop_
_entity.id
_entity.type
_entity.pdbx_description
1 polymer 'NADH-cytochrome b5 reductase 3'
2 non-polymer 'FLAVIN-ADENINE DINUCLEOTIDE'
3 non-polymer '1,4-DIHYDRONICOTINAMIDE ADENINE DINUCLEOTIDE'
4 water water
#
_entity_poly.entity_id   1
_entity_poly.type   'polypeptide(L)'
_entity_poly.pdbx_seq_one_letter_code
;STPAITLENPDIKYPLRLIDKEVVNHDTRRFRFALPSPQHILGLPVGQHIYLSARIDGNLVIRPYVPVSSDDDKGFVDLV
IKVYFKDTHPKFPAGGKMSQYLESMKIGDTIEFRGPNGLLVYQGKGKFAIRPDKKSSPVIKTVKSVGMIAGGTGITPMLQ
VIRAIMKDPDDHTVCHLLFANQTEKDILLRPELEELRNEHSARFKLWYTVDRAPEAWDYSQGFVNEEMIRDHLPPPEEEP
LVLMCGPPPMIQYACLPNLERVGHPKERCFAF
;
_entity_poly.pdbx_strand_id   A
#
# COMPACT_ATOMS: atom_id res chain seq x y z
N SER A 1 -3.45 -23.01 -20.28
CA SER A 1 -2.69 -21.82 -20.64
C SER A 1 -2.82 -20.74 -19.58
N THR A 2 -1.84 -19.84 -19.53
CA THR A 2 -1.86 -18.74 -18.56
C THR A 2 -2.17 -17.43 -19.27
N PRO A 3 -2.79 -16.49 -18.55
CA PRO A 3 -3.14 -15.20 -19.22
C PRO A 3 -1.92 -14.44 -19.67
N ALA A 4 -2.07 -13.66 -20.80
CA ALA A 4 -1.06 -12.78 -21.35
C ALA A 4 -0.69 -11.74 -20.30
N ILE A 5 0.62 -11.53 -20.32
N ILE A 5 0.61 -11.55 -20.09
CA ILE A 5 1.22 -10.65 -19.28
CA ILE A 5 1.11 -10.60 -19.11
C ILE A 5 1.46 -9.29 -19.90
C ILE A 5 1.49 -9.26 -19.74
N THR A 6 1.11 -8.18 -19.08
CA THR A 6 1.40 -6.84 -19.55
C THR A 6 2.85 -6.46 -19.41
N LEU A 7 3.35 -6.61 -18.14
CA LEU A 7 4.70 -6.14 -17.79
C LEU A 7 5.73 -7.30 -18.16
N GLU A 8 5.95 -7.45 -19.45
CA GLU A 8 6.79 -8.57 -19.89
C GLU A 8 8.26 -8.33 -19.55
N ASN A 9 8.75 -7.10 -19.56
CA ASN A 9 10.15 -6.73 -19.42
C ASN A 9 10.20 -5.49 -18.54
N PRO A 10 11.02 -5.45 -17.41
CA PRO A 10 10.93 -4.31 -16.50
C PRO A 10 11.55 -3.00 -17.01
N ASP A 11 12.21 -3.12 -18.13
CA ASP A 11 12.82 -1.92 -18.78
C ASP A 11 11.93 -1.38 -19.90
N ILE A 12 10.82 -2.00 -20.26
CA ILE A 12 9.87 -1.50 -21.24
C ILE A 12 8.82 -0.66 -20.59
N LYS A 13 8.43 0.41 -21.22
CA LYS A 13 7.30 1.20 -20.77
C LYS A 13 6.07 0.84 -21.60
N TYR A 14 4.93 0.65 -20.90
CA TYR A 14 3.71 0.24 -21.48
C TYR A 14 2.69 1.37 -21.28
N PRO A 15 2.30 2.07 -22.34
CA PRO A 15 1.27 3.15 -22.16
C PRO A 15 -0.07 2.53 -21.96
N LEU A 16 -0.69 2.80 -20.87
CA LEU A 16 -2.06 2.28 -20.55
C LEU A 16 -3.04 3.40 -20.50
N ARG A 17 -4.18 3.08 -21.03
N ARG A 17 -4.24 3.15 -21.00
CA ARG A 17 -5.30 4.01 -21.11
CA ARG A 17 -5.27 4.18 -21.05
C ARG A 17 -6.11 4.11 -19.84
C ARG A 17 -6.20 4.22 -19.83
N LEU A 18 -6.34 5.41 -19.27
CA LEU A 18 -7.22 5.65 -18.12
C LEU A 18 -8.66 5.37 -18.55
N ILE A 19 -9.36 4.51 -17.80
CA ILE A 19 -10.77 4.18 -18.08
C ILE A 19 -11.75 4.67 -17.04
N ASP A 20 -11.32 4.92 -15.80
CA ASP A 20 -12.24 5.36 -14.78
C ASP A 20 -11.46 5.99 -13.67
N LYS A 21 -12.05 6.97 -13.00
CA LYS A 21 -11.49 7.56 -11.79
C LYS A 21 -12.61 7.61 -10.76
N GLU A 22 -12.37 7.06 -9.57
CA GLU A 22 -13.33 6.99 -8.50
C GLU A 22 -12.80 7.74 -7.32
N VAL A 23 -13.56 8.63 -6.71
N VAL A 23 -13.42 8.89 -7.08
CA VAL A 23 -13.14 9.31 -5.49
CA VAL A 23 -13.02 9.76 -5.97
C VAL A 23 -13.00 8.35 -4.34
C VAL A 23 -13.17 9.10 -4.60
N VAL A 24 -11.88 8.48 -3.65
N VAL A 24 -12.04 8.74 -4.01
CA VAL A 24 -11.68 7.82 -2.36
CA VAL A 24 -12.04 8.11 -2.69
C VAL A 24 -12.04 8.83 -1.25
C VAL A 24 -12.50 9.14 -1.66
N ASN A 25 -11.61 10.08 -1.34
CA ASN A 25 -11.93 11.15 -0.38
C ASN A 25 -11.57 12.46 -1.04
N HIS A 26 -11.49 13.54 -0.25
CA HIS A 26 -11.28 14.88 -0.80
C HIS A 26 -10.04 14.97 -1.68
N ASP A 27 -8.93 14.28 -1.35
CA ASP A 27 -7.73 14.41 -2.12
C ASP A 27 -7.29 13.11 -2.81
N THR A 28 -7.96 12.00 -2.60
CA THR A 28 -7.45 10.70 -3.09
C THR A 28 -8.44 10.09 -4.02
N ARG A 29 -7.92 9.38 -5.04
CA ARG A 29 -8.79 8.72 -6.04
C ARG A 29 -8.20 7.36 -6.35
N ARG A 30 -9.15 6.41 -6.80
N ARG A 30 -9.01 6.65 -6.90
CA ARG A 30 -8.70 5.21 -7.49
CA ARG A 30 -8.73 5.28 -7.33
C ARG A 30 -8.70 5.47 -9.01
C ARG A 30 -8.83 5.38 -8.85
N PHE A 31 -7.59 5.25 -9.59
CA PHE A 31 -7.42 5.36 -11.03
C PHE A 31 -7.37 3.96 -11.63
N ARG A 32 -8.29 3.67 -12.52
CA ARG A 32 -8.34 2.38 -13.19
C ARG A 32 -7.87 2.55 -14.62
N PHE A 33 -6.92 1.74 -15.06
CA PHE A 33 -6.36 1.76 -16.40
C PHE A 33 -6.65 0.40 -17.08
N ALA A 34 -6.89 0.47 -18.37
CA ALA A 34 -7.05 -0.72 -19.18
C ALA A 34 -5.68 -1.34 -19.46
N LEU A 35 -5.59 -2.65 -19.35
CA LEU A 35 -4.44 -3.37 -19.82
C LEU A 35 -4.53 -3.48 -21.37
N PRO A 36 -3.50 -4.07 -22.01
CA PRO A 36 -3.56 -4.05 -23.53
C PRO A 36 -4.67 -4.73 -24.13
N SER A 37 -5.29 -5.74 -23.47
CA SER A 37 -6.54 -6.27 -23.92
C SER A 37 -7.34 -6.64 -22.67
N PRO A 38 -8.61 -6.95 -22.80
CA PRO A 38 -9.38 -7.34 -21.62
C PRO A 38 -9.01 -8.66 -21.04
N GLN A 39 -8.21 -9.43 -21.72
N GLN A 39 -8.19 -9.46 -21.91
CA GLN A 39 -7.79 -10.78 -21.22
CA GLN A 39 -7.76 -10.78 -21.46
C GLN A 39 -6.44 -10.76 -20.54
C GLN A 39 -6.39 -10.73 -20.74
N HIS A 40 -5.72 -9.63 -20.69
CA HIS A 40 -4.39 -9.54 -20.06
C HIS A 40 -4.55 -9.49 -18.49
N ILE A 41 -3.42 -9.84 -17.87
CA ILE A 41 -3.16 -9.56 -16.48
C ILE A 41 -1.99 -8.62 -16.41
N LEU A 42 -1.76 -8.00 -15.26
CA LEU A 42 -0.65 -7.05 -15.16
C LEU A 42 0.69 -7.77 -15.20
N GLY A 43 0.85 -8.82 -14.41
CA GLY A 43 2.08 -9.47 -14.25
C GLY A 43 2.88 -8.92 -13.08
N LEU A 44 2.31 -8.92 -11.93
CA LEU A 44 2.82 -8.25 -10.74
C LEU A 44 2.69 -9.19 -9.55
N PRO A 45 3.76 -9.70 -9.05
CA PRO A 45 3.71 -10.48 -7.77
C PRO A 45 3.20 -9.62 -6.66
N VAL A 46 2.46 -10.21 -5.73
CA VAL A 46 2.05 -9.54 -4.53
C VAL A 46 3.26 -9.06 -3.79
N GLY A 47 3.23 -7.81 -3.37
CA GLY A 47 4.34 -7.14 -2.68
C GLY A 47 5.06 -6.11 -3.54
N GLN A 48 4.95 -6.26 -4.87
N GLN A 48 4.82 -6.11 -4.78
CA GLN A 48 5.60 -5.40 -5.85
CA GLN A 48 5.64 -5.23 -5.62
C GLN A 48 4.76 -4.14 -6.13
C GLN A 48 4.79 -4.11 -6.24
N HIS A 49 5.47 -3.17 -6.76
CA HIS A 49 4.91 -1.94 -7.25
C HIS A 49 5.30 -1.71 -8.70
N ILE A 50 4.74 -0.65 -9.27
CA ILE A 50 5.08 -0.18 -10.62
C ILE A 50 5.65 1.21 -10.53
N TYR A 51 6.11 1.72 -11.68
CA TYR A 51 6.42 3.12 -11.86
C TYR A 51 5.59 3.69 -12.99
N LEU A 52 5.13 4.92 -12.79
CA LEU A 52 4.55 5.73 -13.84
C LEU A 52 5.55 6.77 -14.29
N SER A 53 5.52 7.12 -15.57
CA SER A 53 6.42 8.12 -16.11
C SER A 53 5.72 8.95 -17.13
N ALA A 54 6.08 10.25 -17.17
CA ALA A 54 5.53 11.17 -18.16
C ALA A 54 6.48 12.38 -18.23
N ARG A 55 6.27 13.16 -19.29
N ARG A 55 6.25 13.16 -19.28
CA ARG A 55 7.00 14.39 -19.55
CA ARG A 55 6.96 14.40 -19.55
C ARG A 55 6.05 15.49 -19.07
C ARG A 55 6.01 15.48 -19.06
N ILE A 56 6.40 16.09 -17.94
CA ILE A 56 5.60 17.07 -17.30
C ILE A 56 6.30 18.39 -17.35
N ASP A 57 5.77 19.34 -18.11
N ASP A 57 5.77 19.34 -18.11
CA ASP A 57 6.38 20.67 -18.20
CA ASP A 57 6.38 20.67 -18.20
C ASP A 57 7.77 20.71 -18.83
C ASP A 57 7.77 20.71 -18.83
N GLY A 58 8.08 19.70 -19.63
CA GLY A 58 9.34 19.62 -20.31
C GLY A 58 10.38 18.77 -19.56
N ASN A 59 10.07 18.15 -18.42
CA ASN A 59 11.00 17.28 -17.74
C ASN A 59 10.40 15.90 -17.51
N LEU A 60 11.09 14.84 -17.78
N LEU A 60 11.43 14.96 -17.34
CA LEU A 60 10.63 13.49 -17.43
CA LEU A 60 11.02 13.58 -17.07
C LEU A 60 10.49 13.41 -15.92
C LEU A 60 10.59 13.44 -15.60
N VAL A 61 9.37 12.89 -15.41
CA VAL A 61 8.98 12.64 -14.03
C VAL A 61 8.60 11.16 -13.94
N ILE A 62 9.21 10.48 -12.94
CA ILE A 62 8.95 9.06 -12.70
C ILE A 62 8.56 8.93 -11.22
N ARG A 63 7.46 8.19 -10.94
CA ARG A 63 7.05 7.97 -9.55
C ARG A 63 6.52 6.55 -9.42
N PRO A 64 6.80 5.90 -8.30
CA PRO A 64 6.23 4.57 -8.01
C PRO A 64 4.83 4.67 -7.41
N TYR A 65 4.02 3.65 -7.74
CA TYR A 65 2.70 3.46 -7.14
C TYR A 65 2.47 1.97 -6.96
N VAL A 66 1.71 1.61 -5.93
CA VAL A 66 1.43 0.22 -5.63
C VAL A 66 0.06 -0.18 -6.17
N PRO A 67 -0.04 -1.07 -7.14
CA PRO A 67 -1.40 -1.50 -7.54
C PRO A 67 -2.09 -2.21 -6.40
N VAL A 68 -3.37 -1.91 -6.27
CA VAL A 68 -4.21 -2.60 -5.29
C VAL A 68 -4.98 -3.73 -5.92
N SER A 69 -5.01 -3.85 -7.22
CA SER A 69 -5.49 -4.99 -7.98
C SER A 69 -4.50 -6.11 -7.93
N SER A 70 -4.83 -7.22 -8.57
CA SER A 70 -3.99 -8.39 -8.57
C SER A 70 -3.96 -9.05 -9.93
N ASP A 71 -3.20 -10.11 -10.05
CA ASP A 71 -3.11 -10.88 -11.27
C ASP A 71 -4.38 -11.78 -11.46
N ASP A 72 -5.31 -11.76 -10.54
CA ASP A 72 -6.59 -12.36 -10.82
C ASP A 72 -7.47 -11.46 -11.69
N ASP A 73 -7.19 -10.17 -11.72
CA ASP A 73 -7.99 -9.20 -12.39
C ASP A 73 -7.71 -9.16 -13.89
N LYS A 74 -8.62 -9.47 -14.70
CA LYS A 74 -8.42 -9.50 -16.12
C LYS A 74 -8.79 -8.14 -16.72
N GLY A 75 -7.83 -7.54 -17.41
CA GLY A 75 -8.11 -6.41 -18.26
C GLY A 75 -7.90 -5.01 -17.64
N PHE A 76 -7.55 -4.90 -16.37
CA PHE A 76 -7.39 -3.58 -15.76
C PHE A 76 -6.39 -3.67 -14.62
N VAL A 77 -5.92 -2.47 -14.24
CA VAL A 77 -5.11 -2.24 -13.06
C VAL A 77 -5.62 -1.05 -12.32
N ASP A 78 -5.66 -1.16 -10.97
CA ASP A 78 -6.12 -0.09 -10.11
C ASP A 78 -4.97 0.46 -9.27
N LEU A 79 -4.84 1.77 -9.26
CA LEU A 79 -3.95 2.51 -8.39
C LEU A 79 -4.77 3.42 -7.48
N VAL A 80 -4.33 3.63 -6.22
CA VAL A 80 -4.97 4.55 -5.31
C VAL A 80 -3.93 5.62 -5.02
N ILE A 81 -4.24 6.86 -5.44
CA ILE A 81 -3.26 7.92 -5.48
C ILE A 81 -3.84 9.19 -4.87
N LYS A 82 -3.08 9.75 -3.94
CA LYS A 82 -3.38 11.04 -3.32
C LYS A 82 -2.85 12.16 -4.21
N VAL A 83 -3.70 13.14 -4.46
CA VAL A 83 -3.34 14.32 -5.25
C VAL A 83 -2.89 15.40 -4.32
N TYR A 84 -1.67 15.92 -4.55
CA TYR A 84 -1.14 17.04 -3.81
C TYR A 84 -1.40 18.31 -4.60
N PHE A 85 -2.47 19.03 -4.27
CA PHE A 85 -2.88 20.18 -5.08
C PHE A 85 -2.04 21.37 -4.79
N LYS A 86 -1.79 22.15 -5.87
CA LYS A 86 -1.24 23.48 -5.80
C LYS A 86 -2.17 24.42 -5.06
N ASP A 87 -1.64 25.59 -4.73
CA ASP A 87 -2.49 26.72 -4.26
C ASP A 87 -3.30 26.36 -3.02
N THR A 88 -2.70 25.55 -2.17
CA THR A 88 -3.41 24.95 -0.98
C THR A 88 -2.60 25.07 0.27
N HIS A 89 -1.43 24.44 0.27
CA HIS A 89 -0.60 24.31 1.43
C HIS A 89 0.43 25.39 1.45
N PRO A 90 0.65 26.10 2.53
CA PRO A 90 1.64 27.25 2.44
C PRO A 90 3.01 26.85 2.18
N LYS A 91 3.47 25.67 2.44
CA LYS A 91 4.82 25.22 2.19
C LYS A 91 5.03 24.62 0.82
N PHE A 92 3.97 24.33 0.09
CA PHE A 92 4.03 23.61 -1.16
C PHE A 92 3.16 24.27 -2.20
N PRO A 93 3.39 25.53 -2.53
CA PRO A 93 2.52 26.25 -3.44
C PRO A 93 2.28 25.57 -4.82
N ALA A 94 3.29 24.86 -5.34
CA ALA A 94 3.17 24.23 -6.62
C ALA A 94 2.45 22.87 -6.58
N GLY A 95 2.25 22.33 -5.40
CA GLY A 95 1.70 21.00 -5.26
C GLY A 95 2.64 19.94 -5.79
N GLY A 96 2.11 18.77 -6.10
CA GLY A 96 2.92 17.65 -6.56
C GLY A 96 2.84 17.48 -8.05
N LYS A 97 3.96 17.12 -8.65
CA LYS A 97 4.05 17.05 -10.13
C LYS A 97 3.23 15.94 -10.74
N MET A 98 3.56 14.68 -10.41
CA MET A 98 2.90 13.56 -11.02
C MET A 98 1.43 13.45 -10.60
N SER A 99 1.17 13.67 -9.29
CA SER A 99 -0.17 13.45 -8.83
C SER A 99 -1.16 14.43 -9.46
N GLN A 100 -0.76 15.68 -9.67
CA GLN A 100 -1.65 16.61 -10.40
C GLN A 100 -1.74 16.30 -11.86
N TYR A 101 -0.67 15.78 -12.47
CA TYR A 101 -0.76 15.32 -13.88
C TYR A 101 -1.81 14.24 -14.00
N LEU A 102 -1.80 13.26 -13.08
CA LEU A 102 -2.78 12.21 -13.05
C LEU A 102 -4.18 12.76 -12.87
N GLU A 103 -4.38 13.67 -11.93
CA GLU A 103 -5.67 14.27 -11.66
C GLU A 103 -6.22 14.98 -12.92
N SER A 104 -5.32 15.53 -13.71
CA SER A 104 -5.71 16.26 -14.94
C SER A 104 -5.97 15.31 -16.11
N MET A 105 -5.61 14.07 -16.07
CA MET A 105 -5.85 13.20 -17.21
C MET A 105 -7.31 13.05 -17.48
N LYS A 106 -7.65 13.00 -18.75
CA LYS A 106 -8.97 12.69 -19.22
C LYS A 106 -9.06 11.19 -19.48
N ILE A 107 -10.30 10.65 -19.32
N ILE A 107 -10.26 10.64 -19.37
CA ILE A 107 -10.40 9.26 -19.68
CA ILE A 107 -10.49 9.28 -19.80
C ILE A 107 -9.98 9.13 -21.15
C ILE A 107 -10.13 9.11 -21.27
N GLY A 108 -9.27 8.02 -21.49
CA GLY A 108 -8.69 7.78 -22.75
C GLY A 108 -7.28 8.22 -22.89
N ASP A 109 -6.80 9.15 -22.04
CA ASP A 109 -5.42 9.49 -22.05
C ASP A 109 -4.59 8.32 -21.55
N THR A 110 -3.34 8.25 -21.97
CA THR A 110 -2.41 7.18 -21.56
C THR A 110 -1.32 7.70 -20.71
N ILE A 111 -0.74 6.77 -19.92
CA ILE A 111 0.45 7.04 -19.16
C ILE A 111 1.29 5.74 -19.16
N GLU A 112 2.60 5.89 -19.16
CA GLU A 112 3.51 4.78 -19.18
C GLU A 112 3.63 4.10 -17.83
N PHE A 113 3.49 2.78 -17.85
CA PHE A 113 3.72 1.89 -16.72
C PHE A 113 4.99 1.05 -16.97
N ARG A 114 5.69 0.73 -15.88
CA ARG A 114 6.80 -0.21 -15.92
C ARG A 114 6.83 -0.95 -14.60
N GLY A 115 7.40 -2.16 -14.62
CA GLY A 115 7.59 -2.92 -13.41
C GLY A 115 7.75 -4.37 -13.76
N PRO A 116 7.57 -5.26 -12.78
CA PRO A 116 7.37 -4.99 -11.35
C PRO A 116 8.67 -4.64 -10.65
N ASN A 117 8.57 -3.98 -9.52
CA ASN A 117 9.72 -3.67 -8.71
C ASN A 117 9.40 -3.77 -7.23
N GLY A 118 10.43 -3.89 -6.42
CA GLY A 118 10.32 -3.90 -4.97
C GLY A 118 11.09 -5.05 -4.34
N LEU A 119 11.50 -4.85 -3.09
CA LEU A 119 12.28 -5.85 -2.36
C LEU A 119 11.50 -6.99 -1.77
N LEU A 120 10.15 -6.89 -1.71
CA LEU A 120 9.32 -7.89 -1.05
C LEU A 120 8.36 -8.49 -2.03
N VAL A 121 8.23 -9.85 -1.92
CA VAL A 121 7.20 -10.61 -2.59
C VAL A 121 6.52 -11.50 -1.55
N TYR A 122 5.19 -11.49 -1.56
CA TYR A 122 4.42 -12.46 -0.72
C TYR A 122 4.16 -13.68 -1.55
N GLN A 123 4.67 -14.82 -1.07
CA GLN A 123 4.58 -16.08 -1.76
C GLN A 123 3.36 -16.91 -1.31
N GLY A 124 2.60 -16.46 -0.37
CA GLY A 124 1.41 -17.15 0.14
C GLY A 124 1.66 -17.90 1.37
N LYS A 125 0.58 -18.14 2.12
CA LYS A 125 0.58 -19.00 3.32
C LYS A 125 1.73 -18.58 4.26
N GLY A 126 1.85 -17.30 4.49
CA GLY A 126 2.79 -16.75 5.45
C GLY A 126 4.19 -16.62 5.03
N LYS A 127 4.45 -16.93 3.76
N LYS A 127 4.45 -16.93 3.76
CA LYS A 127 5.82 -16.86 3.24
CA LYS A 127 5.81 -16.86 3.23
C LYS A 127 6.13 -15.56 2.49
C LYS A 127 6.13 -15.56 2.49
N PHE A 128 7.17 -14.88 2.96
CA PHE A 128 7.60 -13.64 2.34
C PHE A 128 9.03 -13.80 1.86
N ALA A 129 9.28 -13.41 0.62
CA ALA A 129 10.60 -13.40 0.02
C ALA A 129 11.07 -11.95 0.07
N ILE A 130 12.09 -11.68 0.84
CA ILE A 130 12.53 -10.27 1.04
C ILE A 130 14.01 -10.15 0.74
N ARG A 131 14.36 -9.27 -0.19
CA ARG A 131 15.74 -8.93 -0.44
C ARG A 131 16.26 -7.95 0.56
N PRO A 132 17.41 -8.13 1.10
CA PRO A 132 17.92 -7.11 2.04
C PRO A 132 18.18 -5.75 1.42
N ASP A 133 18.34 -5.81 0.10
CA ASP A 133 18.60 -4.65 -0.76
C ASP A 133 18.42 -5.03 -2.24
N LYS A 134 18.58 -4.08 -3.16
CA LYS A 134 18.44 -4.35 -4.58
C LYS A 134 19.66 -5.07 -5.14
N LYS A 135 20.67 -5.25 -4.30
CA LYS A 135 21.89 -5.92 -4.72
C LYS A 135 22.07 -7.24 -3.98
N SER A 136 20.96 -7.86 -3.59
CA SER A 136 21.00 -9.11 -2.89
C SER A 136 19.80 -9.98 -3.25
N SER A 137 20.04 -11.29 -3.12
CA SER A 137 19.00 -12.25 -3.42
C SER A 137 17.94 -12.23 -2.29
N PRO A 138 16.69 -12.61 -2.63
CA PRO A 138 15.73 -12.75 -1.60
C PRO A 138 16.09 -13.82 -0.58
N VAL A 139 15.54 -13.65 0.63
CA VAL A 139 15.49 -14.65 1.68
C VAL A 139 14.05 -14.87 2.06
N ILE A 140 13.61 -16.08 2.28
N ILE A 140 13.73 -16.20 2.25
CA ILE A 140 12.26 -16.39 2.74
CA ILE A 140 12.32 -16.46 2.58
C ILE A 140 12.12 -16.23 4.25
C ILE A 140 12.15 -16.76 4.05
N LYS A 141 11.16 -15.48 4.67
N LYS A 141 11.15 -16.37 4.62
CA LYS A 141 10.70 -15.37 6.07
CA LYS A 141 10.71 -16.75 5.98
C LYS A 141 9.32 -15.96 6.16
C LYS A 141 9.18 -16.94 6.00
N THR A 142 9.11 -16.86 7.10
N THR A 142 8.68 -17.82 6.78
CA THR A 142 7.85 -17.58 7.27
CA THR A 142 7.25 -17.96 6.94
C THR A 142 7.22 -17.23 8.63
C THR A 142 6.85 -17.51 8.35
N VAL A 143 5.93 -16.72 8.55
CA VAL A 143 5.35 -16.21 9.77
C VAL A 143 3.88 -16.64 9.84
N LYS A 144 3.36 -16.58 11.08
CA LYS A 144 1.95 -16.85 11.35
C LYS A 144 1.12 -15.61 11.42
N SER A 145 1.72 -14.44 11.58
CA SER A 145 1.02 -13.19 11.71
C SER A 145 1.91 -12.08 11.21
N VAL A 146 1.24 -10.99 10.82
CA VAL A 146 1.87 -9.86 10.22
C VAL A 146 1.31 -8.60 10.86
N GLY A 147 2.18 -7.80 11.44
CA GLY A 147 1.80 -6.45 11.87
C GLY A 147 1.96 -5.49 10.71
N MET A 148 1.05 -4.54 10.58
CA MET A 148 1.07 -3.59 9.46
C MET A 148 0.82 -2.20 10.04
N ILE A 149 1.79 -1.31 9.83
CA ILE A 149 1.65 0.09 10.28
C ILE A 149 1.65 0.92 9.02
N ALA A 150 0.55 1.61 8.75
CA ALA A 150 0.40 2.40 7.53
C ALA A 150 0.05 3.82 7.88
N GLY A 151 0.61 4.78 7.17
CA GLY A 151 0.22 6.19 7.28
C GLY A 151 -0.21 6.71 5.93
N GLY A 152 -1.42 7.26 5.85
CA GLY A 152 -1.89 7.85 4.63
C GLY A 152 -1.92 6.85 3.49
N THR A 153 -1.41 7.25 2.32
CA THR A 153 -1.39 6.35 1.20
C THR A 153 -0.50 5.10 1.40
N GLY A 154 0.28 5.09 2.45
CA GLY A 154 1.00 3.89 2.81
C GLY A 154 0.12 2.68 3.06
N ILE A 155 -1.22 2.89 3.12
CA ILE A 155 -2.14 1.76 3.10
C ILE A 155 -1.99 0.89 1.86
N THR A 156 -1.57 1.41 0.70
CA THR A 156 -1.71 0.63 -0.51
C THR A 156 -0.94 -0.68 -0.51
N PRO A 157 0.34 -0.74 -0.07
CA PRO A 157 1.00 -2.07 -0.07
C PRO A 157 0.40 -2.99 0.97
N MET A 158 -0.11 -2.42 2.06
CA MET A 158 -0.78 -3.24 3.07
C MET A 158 -2.02 -3.88 2.52
N LEU A 159 -2.88 -3.07 1.87
CA LEU A 159 -4.12 -3.60 1.28
C LEU A 159 -3.83 -4.64 0.24
N GLN A 160 -2.79 -4.42 -0.57
CA GLN A 160 -2.45 -5.38 -1.59
C GLN A 160 -2.18 -6.73 -0.95
N VAL A 161 -1.42 -6.77 0.15
CA VAL A 161 -1.10 -7.99 0.84
C VAL A 161 -2.34 -8.59 1.58
N ILE A 162 -3.08 -7.74 2.27
CA ILE A 162 -4.31 -8.20 2.97
C ILE A 162 -5.22 -8.88 1.96
N ARG A 163 -5.48 -8.27 0.82
CA ARG A 163 -6.39 -8.88 -0.15
C ARG A 163 -5.90 -10.24 -0.59
N ALA A 164 -4.60 -10.37 -0.80
CA ALA A 164 -4.01 -11.65 -1.25
C ALA A 164 -4.24 -12.73 -0.18
N ILE A 165 -4.06 -12.39 1.09
CA ILE A 165 -4.27 -13.35 2.15
C ILE A 165 -5.75 -13.74 2.24
N MET A 166 -6.63 -12.77 2.28
CA MET A 166 -8.01 -13.04 2.62
C MET A 166 -8.69 -13.89 1.54
N LYS A 167 -8.32 -13.73 0.31
CA LYS A 167 -8.93 -14.50 -0.77
C LYS A 167 -8.55 -15.98 -0.74
N ASP A 168 -7.52 -16.34 -0.02
CA ASP A 168 -7.10 -17.76 0.06
C ASP A 168 -7.58 -18.36 1.36
N PRO A 169 -8.62 -19.23 1.32
CA PRO A 169 -9.20 -19.68 2.58
C PRO A 169 -8.25 -20.59 3.35
N ASP A 170 -7.18 -21.07 2.71
CA ASP A 170 -6.19 -21.90 3.30
C ASP A 170 -4.98 -21.09 3.75
N ASP A 171 -5.01 -19.78 3.70
CA ASP A 171 -3.96 -18.91 4.20
C ASP A 171 -4.38 -18.45 5.56
N HIS A 172 -3.76 -18.99 6.61
CA HIS A 172 -4.17 -18.75 7.98
C HIS A 172 -3.46 -17.56 8.60
N THR A 173 -2.68 -16.81 7.81
CA THR A 173 -1.92 -15.66 8.32
C THR A 173 -2.94 -14.61 8.90
N VAL A 174 -2.62 -14.13 10.07
CA VAL A 174 -3.44 -13.08 10.70
C VAL A 174 -2.76 -11.74 10.54
N CYS A 175 -3.46 -10.78 10.00
CA CYS A 175 -2.93 -9.41 9.75
C CYS A 175 -3.52 -8.51 10.80
N HIS A 176 -2.65 -7.68 11.42
CA HIS A 176 -3.02 -6.70 12.39
C HIS A 176 -2.62 -5.33 11.82
N LEU A 177 -3.61 -4.52 11.45
CA LEU A 177 -3.36 -3.22 10.82
C LEU A 177 -3.58 -2.11 11.82
N LEU A 178 -2.62 -1.21 11.89
CA LEU A 178 -2.68 0.06 12.62
C LEU A 178 -2.50 1.14 11.56
N PHE A 179 -3.60 1.89 11.30
CA PHE A 179 -3.65 2.80 10.18
C PHE A 179 -3.79 4.25 10.67
N ALA A 180 -2.84 5.10 10.39
CA ALA A 180 -2.74 6.45 10.84
C ALA A 180 -3.03 7.44 9.70
N ASN A 181 -3.84 8.47 10.01
CA ASN A 181 -4.14 9.54 9.06
C ASN A 181 -4.30 10.83 9.85
N GLN A 182 -4.36 11.96 9.12
CA GLN A 182 -4.34 13.24 9.83
C GLN A 182 -5.66 13.53 10.56
N THR A 183 -6.77 13.13 9.97
CA THR A 183 -8.12 13.37 10.49
C THR A 183 -8.98 12.20 10.04
N GLU A 184 -10.18 12.12 10.61
CA GLU A 184 -11.12 11.09 10.22
C GLU A 184 -11.45 11.14 8.72
N LYS A 185 -11.63 12.33 8.18
CA LYS A 185 -12.00 12.43 6.76
C LYS A 185 -10.79 12.03 5.88
N ASP A 186 -9.63 11.94 6.41
CA ASP A 186 -8.45 11.50 5.66
C ASP A 186 -8.30 10.01 5.63
N ILE A 187 -9.05 9.33 6.45
CA ILE A 187 -8.96 7.87 6.34
C ILE A 187 -9.30 7.41 4.92
N LEU A 188 -8.42 6.57 4.32
CA LEU A 188 -8.54 6.07 2.98
C LEU A 188 -9.15 4.66 2.99
N LEU A 189 -10.07 4.41 2.08
CA LEU A 189 -10.55 3.02 1.84
C LEU A 189 -11.26 2.47 3.13
N ARG A 190 -11.87 3.34 3.89
CA ARG A 190 -12.46 2.87 5.12
C ARG A 190 -13.58 1.85 4.87
N PRO A 191 -14.52 2.01 4.04
N PRO A 191 -14.26 1.96 3.72
CA PRO A 191 -15.58 1.01 3.96
CA PRO A 191 -15.34 1.03 3.39
C PRO A 191 -15.01 -0.38 3.69
C PRO A 191 -14.79 -0.35 3.04
N GLU A 192 -13.98 -0.48 2.77
N GLU A 192 -13.58 -0.39 2.49
CA GLU A 192 -13.41 -1.80 2.53
CA GLU A 192 -12.95 -1.65 2.11
C GLU A 192 -12.73 -2.38 3.76
C GLU A 192 -12.32 -2.33 3.33
N LEU A 193 -11.86 -1.51 4.28
CA LEU A 193 -11.25 -2.04 5.49
C LEU A 193 -12.27 -2.58 6.47
N GLU A 194 -13.39 -1.88 6.65
CA GLU A 194 -14.39 -2.32 7.63
C GLU A 194 -15.16 -3.51 7.08
N GLU A 195 -15.19 -3.66 5.76
N GLU A 195 -15.02 -3.76 5.78
CA GLU A 195 -15.88 -4.78 5.14
CA GLU A 195 -15.68 -4.88 5.14
C GLU A 195 -15.01 -6.02 5.31
C GLU A 195 -14.89 -6.14 5.43
N LEU A 196 -13.70 -5.83 5.27
N LEU A 196 -13.57 -6.01 5.42
CA LEU A 196 -12.75 -6.92 5.44
CA LEU A 196 -12.68 -7.12 5.71
C LEU A 196 -12.82 -7.40 6.88
C LEU A 196 -12.83 -7.48 7.18
N ARG A 197 -12.96 -6.45 7.80
N ARG A 197 -12.95 -6.45 8.02
CA ARG A 197 -13.08 -6.77 9.22
CA ARG A 197 -13.12 -6.64 9.45
C ARG A 197 -14.35 -7.58 9.44
C ARG A 197 -14.42 -7.42 9.68
N ASN A 198 -15.46 -7.04 8.96
CA ASN A 198 -16.76 -7.73 9.07
C ASN A 198 -16.65 -9.20 8.60
N GLU A 199 -15.91 -9.44 7.51
CA GLU A 199 -15.94 -10.76 6.82
C GLU A 199 -14.86 -11.68 7.41
N HIS A 200 -13.76 -11.07 7.91
CA HIS A 200 -12.52 -11.85 8.16
C HIS A 200 -11.90 -11.51 9.47
N SER A 201 -12.75 -11.28 10.43
N SER A 201 -12.76 -11.30 10.46
CA SER A 201 -12.22 -10.81 11.69
CA SER A 201 -12.35 -10.93 11.81
C SER A 201 -11.25 -11.77 12.33
C SER A 201 -11.26 -11.82 12.41
N ALA A 202 -11.32 -13.12 12.15
CA ALA A 202 -10.35 -14.04 12.70
C ALA A 202 -8.94 -13.82 12.11
N ARG A 203 -8.84 -13.29 10.91
CA ARG A 203 -7.58 -13.07 10.20
C ARG A 203 -7.26 -11.61 10.06
N PHE A 204 -8.05 -10.69 10.53
CA PHE A 204 -7.82 -9.29 10.23
C PHE A 204 -8.24 -8.45 11.45
N LYS A 205 -7.30 -7.79 12.06
CA LYS A 205 -7.49 -6.89 13.18
C LYS A 205 -7.25 -5.48 12.70
N LEU A 206 -8.18 -4.57 13.03
CA LEU A 206 -8.16 -3.21 12.51
C LEU A 206 -8.13 -2.18 13.59
N TRP A 207 -7.25 -1.22 13.48
CA TRP A 207 -7.24 -0.12 14.43
C TRP A 207 -6.79 1.13 13.69
N TYR A 208 -7.31 2.28 14.11
CA TYR A 208 -6.97 3.59 13.53
C TYR A 208 -6.33 4.47 14.59
N THR A 209 -5.50 5.40 14.14
CA THR A 209 -5.19 6.61 14.88
C THR A 209 -5.33 7.78 13.94
N VAL A 210 -5.72 8.92 14.48
CA VAL A 210 -5.75 10.17 13.73
C VAL A 210 -5.00 11.22 14.47
N ASP A 211 -4.33 12.14 13.76
CA ASP A 211 -3.57 13.17 14.42
C ASP A 211 -4.48 14.02 15.30
N ARG A 212 -5.64 14.38 14.80
N ARG A 212 -5.66 14.32 14.53
CA ARG A 212 -6.67 15.16 15.58
CA ARG A 212 -6.69 15.12 15.20
C ARG A 212 -7.97 14.43 15.42
C ARG A 212 -7.99 14.34 15.25
N ALA A 213 -8.59 14.09 16.52
CA ALA A 213 -9.81 13.28 16.52
C ALA A 213 -10.99 14.09 16.65
N PRO A 214 -12.07 13.58 16.10
CA PRO A 214 -13.40 14.22 16.28
C PRO A 214 -13.93 13.86 17.68
N GLU A 215 -15.03 14.49 18.06
CA GLU A 215 -15.64 14.22 19.37
C GLU A 215 -16.16 12.77 19.44
N ALA A 216 -16.77 12.33 18.34
CA ALA A 216 -17.30 10.96 18.28
C ALA A 216 -16.18 10.09 17.70
N TRP A 217 -15.41 9.41 18.60
CA TRP A 217 -14.19 8.68 18.12
C TRP A 217 -13.90 7.53 19.10
N ASP A 218 -13.78 6.36 18.59
CA ASP A 218 -13.55 5.18 19.44
C ASP A 218 -12.17 4.58 19.28
N TYR A 219 -11.30 5.23 18.53
CA TYR A 219 -9.94 4.68 18.30
C TYR A 219 -8.90 5.57 18.92
N SER A 220 -7.66 5.53 18.43
CA SER A 220 -6.56 6.27 19.05
C SER A 220 -6.43 7.64 18.42
N GLN A 221 -5.57 8.40 19.12
N GLN A 221 -5.77 8.48 19.10
CA GLN A 221 -5.32 9.76 18.70
CA GLN A 221 -5.30 9.73 18.56
C GLN A 221 -3.83 10.05 18.81
C GLN A 221 -3.80 9.90 18.77
N GLY A 222 -3.26 10.75 17.85
CA GLY A 222 -1.86 11.10 17.86
C GLY A 222 -1.02 10.25 16.91
N PHE A 223 0.24 10.53 16.88
CA PHE A 223 1.20 9.72 16.11
C PHE A 223 1.23 8.29 16.66
N VAL A 224 1.59 7.35 15.81
CA VAL A 224 1.83 5.98 16.27
C VAL A 224 2.81 5.97 17.38
N ASN A 225 2.52 5.21 18.44
CA ASN A 225 3.31 5.19 19.62
C ASN A 225 3.47 3.78 20.17
N GLU A 226 4.24 3.68 21.28
CA GLU A 226 4.53 2.38 21.90
C GLU A 226 3.25 1.64 22.28
N GLU A 227 2.35 2.34 22.95
CA GLU A 227 1.12 1.68 23.41
C GLU A 227 0.32 1.12 22.25
N MET A 228 0.19 1.89 21.16
CA MET A 228 -0.59 1.41 20.05
C MET A 228 0.04 0.15 19.42
N ILE A 229 1.38 0.14 19.32
CA ILE A 229 2.07 -1.03 18.78
C ILE A 229 1.88 -2.21 19.69
N ARG A 230 2.06 -1.90 20.98
N ARG A 230 2.09 -1.95 20.94
CA ARG A 230 1.87 -3.00 21.94
CA ARG A 230 1.84 -3.00 21.94
C ARG A 230 0.45 -3.54 22.00
C ARG A 230 0.41 -3.54 21.94
N ASP A 231 -0.56 -2.80 21.73
CA ASP A 231 -1.96 -3.23 21.85
C ASP A 231 -2.57 -3.68 20.54
N HIS A 232 -2.03 -3.31 19.39
CA HIS A 232 -2.69 -3.49 18.11
C HIS A 232 -1.86 -4.22 17.07
N LEU A 233 -0.68 -4.68 17.44
CA LEU A 233 0.13 -5.56 16.59
C LEU A 233 0.42 -6.81 17.39
N PRO A 234 0.76 -7.93 16.74
CA PRO A 234 1.08 -9.16 17.50
C PRO A 234 2.31 -8.89 18.35
N PRO A 235 2.42 -9.58 19.49
CA PRO A 235 3.59 -9.36 20.38
C PRO A 235 4.81 -9.99 19.83
N PRO A 236 6.02 -9.54 20.24
CA PRO A 236 7.26 -10.04 19.69
C PRO A 236 7.45 -11.57 19.80
N GLU A 237 6.95 -12.14 20.91
CA GLU A 237 7.18 -13.58 21.12
C GLU A 237 6.41 -14.44 20.14
N GLU A 238 5.58 -13.80 19.32
N GLU A 238 5.49 -13.91 19.42
CA GLU A 238 4.81 -14.51 18.30
CA GLU A 238 4.81 -14.66 18.34
C GLU A 238 5.60 -14.50 17.01
C GLU A 238 5.52 -14.52 17.01
N GLU A 239 6.74 -13.82 17.08
CA GLU A 239 7.64 -13.70 15.93
C GLU A 239 6.94 -13.24 14.64
N PRO A 240 6.09 -12.22 14.73
CA PRO A 240 5.50 -11.69 13.48
C PRO A 240 6.49 -10.97 12.66
N LEU A 241 6.16 -10.85 11.35
CA LEU A 241 6.77 -9.87 10.49
C LEU A 241 6.02 -8.55 10.70
N VAL A 242 6.74 -7.45 10.85
CA VAL A 242 6.13 -6.14 10.95
C VAL A 242 6.46 -5.36 9.68
N LEU A 243 5.43 -5.02 8.95
CA LEU A 243 5.52 -4.21 7.74
C LEU A 243 5.11 -2.79 8.10
N MET A 244 5.81 -1.80 7.52
N MET A 244 5.87 -1.84 7.47
CA MET A 244 5.44 -0.40 7.80
CA MET A 244 5.63 -0.41 7.66
C MET A 244 5.59 0.38 6.52
C MET A 244 5.59 0.32 6.33
N CYS A 245 4.72 1.38 6.33
CA CYS A 245 4.75 2.22 5.16
C CYS A 245 4.06 3.53 5.47
N GLY A 246 4.74 4.64 5.26
CA GLY A 246 4.15 5.94 5.48
C GLY A 246 5.19 7.01 5.27
N PRO A 247 4.88 8.24 5.65
CA PRO A 247 5.87 9.33 5.50
C PRO A 247 7.16 9.02 6.15
N PRO A 248 8.27 9.50 5.62
CA PRO A 248 9.59 9.27 6.26
C PRO A 248 9.62 9.61 7.73
N PRO A 249 9.07 10.73 8.22
CA PRO A 249 9.11 10.96 9.70
C PRO A 249 8.29 9.96 10.45
N MET A 250 7.26 9.49 9.81
N MET A 250 7.13 9.40 9.95
CA MET A 250 6.54 8.44 10.51
CA MET A 250 6.38 8.35 10.67
C MET A 250 7.40 7.24 10.79
C MET A 250 7.24 7.11 10.87
N ILE A 251 8.05 6.76 9.80
CA ILE A 251 8.92 5.61 9.97
C ILE A 251 10.01 5.91 10.99
N GLN A 252 10.70 7.04 10.79
CA GLN A 252 11.88 7.34 11.58
C GLN A 252 11.55 7.60 13.05
N TYR A 253 10.58 8.48 13.31
N TYR A 253 10.58 8.48 13.31
CA TYR A 253 10.26 8.85 14.70
CA TYR A 253 10.26 8.85 14.70
C TYR A 253 9.12 8.11 15.40
C TYR A 253 9.12 8.11 15.40
N ALA A 254 8.16 7.60 14.65
CA ALA A 254 7.03 6.92 15.29
C ALA A 254 7.20 5.41 15.27
N CYS A 255 7.65 4.85 14.19
CA CYS A 255 7.72 3.37 14.09
C CYS A 255 8.98 2.83 14.67
N LEU A 256 10.18 3.20 14.14
CA LEU A 256 11.40 2.55 14.55
C LEU A 256 11.63 2.60 16.07
N PRO A 257 11.52 3.74 16.74
CA PRO A 257 11.84 3.75 18.17
C PRO A 257 10.90 2.94 18.97
N ASN A 258 9.63 2.96 18.58
CA ASN A 258 8.61 2.26 19.34
C ASN A 258 8.58 0.74 19.10
N LEU A 259 8.95 0.32 17.89
CA LEU A 259 9.18 -1.07 17.63
C LEU A 259 10.34 -1.57 18.52
N GLU A 260 11.42 -0.81 18.74
N GLU A 260 11.38 -0.78 18.58
CA GLU A 260 12.51 -1.18 19.67
CA GLU A 260 12.50 -1.17 19.46
C GLU A 260 11.96 -1.45 21.05
C GLU A 260 12.06 -1.24 20.90
N ARG A 261 11.22 -0.33 21.44
CA ARG A 261 10.73 -0.38 22.82
C ARG A 261 9.89 -1.62 23.05
N VAL A 262 9.06 -2.02 22.14
CA VAL A 262 8.23 -3.24 22.29
C VAL A 262 9.07 -4.47 22.18
N GLY A 263 10.09 -4.47 21.41
CA GLY A 263 10.96 -5.59 21.25
C GLY A 263 10.89 -6.34 19.90
N HIS A 264 10.31 -5.73 18.90
CA HIS A 264 10.32 -6.32 17.55
C HIS A 264 11.67 -6.02 16.94
N PRO A 265 12.43 -7.04 16.63
CA PRO A 265 13.85 -6.83 16.13
C PRO A 265 13.80 -6.34 14.73
N LYS A 266 14.98 -5.74 14.39
N LYS A 266 14.83 -5.62 14.30
CA LYS A 266 14.96 -5.04 13.10
CA LYS A 266 15.11 -5.26 12.91
C LYS A 266 14.85 -6.01 11.95
C LYS A 266 15.01 -6.43 11.94
N GLU A 267 15.40 -7.23 12.17
N GLU A 267 15.48 -7.59 12.24
CA GLU A 267 15.43 -8.34 11.20
CA GLU A 267 15.32 -8.51 11.12
C GLU A 267 14.05 -8.98 11.01
C GLU A 267 13.85 -8.90 10.87
N ARG A 268 13.00 -8.63 11.78
CA ARG A 268 11.58 -9.01 11.60
C ARG A 268 10.73 -7.82 11.14
N CYS A 269 11.37 -6.73 10.76
CA CYS A 269 10.67 -5.53 10.32
C CYS A 269 11.03 -5.27 8.85
N PHE A 270 10.13 -4.65 8.13
CA PHE A 270 10.36 -4.26 6.75
C PHE A 270 9.59 -3.00 6.46
N ALA A 271 10.25 -2.00 5.90
CA ALA A 271 9.63 -0.78 5.41
C ALA A 271 9.52 -0.84 3.91
N PHE A 272 8.29 -0.69 3.39
CA PHE A 272 8.09 -0.57 1.96
C PHE A 272 8.78 0.60 1.38
#